data_3KQD
#
_entry.id   3KQD
#
_cell.length_a   57.700
_cell.length_b   72.100
_cell.length_c   76.800
_cell.angle_alpha   90.00
_cell.angle_beta   90.00
_cell.angle_gamma   90.00
#
_symmetry.space_group_name_H-M   'P 21 21 21'
#
loop_
_entity.id
_entity.type
_entity.pdbx_description
1 polymer 'factor Xa heavy chain'
2 polymer 'factor Xa light chain'
3 non-polymer "1-(3-(5-OXO-4,5-DIHYDRO-1H-1,2,4-TRIAZOL-3-YL)PHENYL)-6-(2'-(PYRROLIDIN-1-YLMETHYL)BIPHENYL-4-YL)-3-(TRIFLUOROMETHYL)-5,6-DIHYDRO-1H-PYRAZOLO[3,4-C]PYRIDIN-7(4H)-ONE"
4 non-polymer 'SODIUM ION'
5 water water
#
loop_
_entity_poly.entity_id
_entity_poly.type
_entity_poly.pdbx_seq_one_letter_code
_entity_poly.pdbx_strand_id
1 'polypeptide(L)'
;IVGGQECKDGECPWQALLINEENEGFCGGTILSEFYILTAAHCLYQAKRFKVRVGDRNTEQEEGGEAVHEVEVVIKHNRF
TKETYDFDIAVLRLKTPITFRMNVAPACLPERDWAESTLMTQKTGIVSGFGRTHEKGRQSTRLKMLEVPYVDRNSCKLSS
SFIITQNMFCAGYDTKQEDACQGDSGGPHVTRFKDTYFVTGIVSWGEGCARKGKYGIYTKVTAFLKWIDRSMKT
;
A
2 'polypeptide(L)' KLCSLDNGDCDQFCHEEQNSVVCSCARGYTLADNGKACIPTGPYPCGKQTLE L
#
loop_
_chem_comp.id
_chem_comp.type
_chem_comp.name
_chem_comp.formula
LGL non-polymer 1-(3-(5-OXO-4,5-DIHYDRO-1H-1,2,4-TRIAZOL-3-YL)PHENYL)-6-(2'-(PYRROLIDIN-1-YLMETHYL)BIPHENYL-4-YL)-3-(TRIFLUOROMETHYL)-5,6-DIHYDRO-1H-PYRAZOLO[3,4-C]PYRIDIN-7(4H)-ONE 'C32 H28 F3 N7 O2'
NA non-polymer 'SODIUM ION' 'Na 1'
#
# COMPACT_ATOMS: atom_id res chain seq x y z
N ILE A 1 -4.78 -8.43 10.29
CA ILE A 1 -6.10 -7.82 10.09
C ILE A 1 -7.10 -8.50 11.06
N VAL A 2 -7.93 -7.70 11.75
CA VAL A 2 -8.97 -8.18 12.62
C VAL A 2 -10.20 -8.10 11.73
N GLY A 3 -10.89 -9.23 11.57
CA GLY A 3 -12.06 -9.32 10.70
C GLY A 3 -11.66 -9.41 9.25
N GLY A 4 -12.40 -8.75 8.39
CA GLY A 4 -12.13 -8.81 6.96
C GLY A 4 -12.24 -10.20 6.32
N GLN A 5 -11.79 -10.27 5.06
CA GLN A 5 -11.81 -11.47 4.27
C GLN A 5 -10.39 -11.90 3.91
N GLU A 6 -10.23 -13.17 3.52
CA GLU A 6 -8.95 -13.74 3.09
C GLU A 6 -8.72 -13.24 1.67
N CYS A 7 -7.42 -13.14 1.23
CA CYS A 7 -7.06 -12.73 -0.13
C CYS A 7 -7.11 -13.99 -0.95
N LYS A 8 -8.01 -14.06 -1.93
CA LYS A 8 -8.11 -15.22 -2.84
C LYS A 8 -7.03 -15.13 -3.91
N ASP A 9 -6.95 -16.15 -4.79
CA ASP A 9 -5.91 -16.21 -5.83
C ASP A 9 -5.84 -14.96 -6.69
N GLY A 10 -4.70 -14.30 -6.66
CA GLY A 10 -4.45 -13.11 -7.45
C GLY A 10 -5.17 -11.84 -7.03
N GLU A 11 -5.77 -11.79 -5.82
CA GLU A 11 -6.50 -10.62 -5.33
C GLU A 11 -5.62 -9.49 -4.74
N CYS A 12 -4.50 -9.85 -4.08
CA CYS A 12 -3.57 -8.94 -3.40
C CYS A 12 -2.12 -9.21 -3.93
N PRO A 13 -1.87 -9.06 -5.26
CA PRO A 13 -0.54 -9.44 -5.77
C PRO A 13 0.67 -8.59 -5.37
N TRP A 14 0.42 -7.35 -4.96
CA TRP A 14 1.40 -6.35 -4.54
C TRP A 14 1.85 -6.52 -3.08
N GLN A 15 1.31 -7.53 -2.38
CA GLN A 15 1.65 -7.76 -0.98
C GLN A 15 3.03 -8.38 -0.82
N ALA A 16 3.82 -7.84 0.16
CA ALA A 16 5.15 -8.31 0.54
C ALA A 16 5.08 -8.65 1.99
N LEU A 17 5.93 -9.58 2.42
CA LEU A 17 6.03 -10.02 3.82
C LEU A 17 7.46 -9.92 4.24
N LEU A 18 7.70 -9.16 5.32
CA LEU A 18 9.04 -9.00 5.89
C LEU A 18 9.21 -10.15 6.84
N ILE A 19 10.27 -10.91 6.64
CA ILE A 19 10.56 -12.12 7.41
C ILE A 19 11.92 -12.03 8.08
N ASN A 20 11.96 -12.26 9.39
CA ASN A 20 13.20 -12.23 10.18
C ASN A 20 14.06 -13.48 9.90
N GLU A 21 15.18 -13.64 10.66
CA GLU A 21 16.09 -14.79 10.57
C GLU A 21 15.37 -16.11 10.87
N GLU A 22 14.43 -16.11 11.83
CA GLU A 22 13.63 -17.28 12.23
C GLU A 22 12.55 -17.62 11.19
N ASN A 23 12.63 -17.02 9.97
CA ASN A 23 11.70 -17.20 8.82
C ASN A 23 10.19 -16.84 9.12
N GLU A 24 9.96 -15.95 10.11
CA GLU A 24 8.62 -15.52 10.50
C GLU A 24 8.30 -14.06 10.14
N GLY A 25 7.11 -13.87 9.55
CA GLY A 25 6.59 -12.59 9.10
C GLY A 25 6.35 -11.64 10.25
N PHE A 26 6.95 -10.45 10.17
CA PHE A 26 6.84 -9.43 11.22
C PHE A 26 6.19 -8.13 10.71
N CYS A 27 6.38 -7.81 9.44
CA CYS A 27 5.80 -6.61 8.84
C CYS A 27 5.41 -6.87 7.39
N GLY A 28 4.53 -6.05 6.86
CA GLY A 28 4.19 -6.12 5.44
C GLY A 28 4.97 -5.14 4.57
N GLY A 29 4.66 -5.15 3.29
CA GLY A 29 5.27 -4.27 2.31
C GLY A 29 4.48 -4.25 1.02
N THR A 30 4.76 -3.25 0.17
CA THR A 30 4.08 -3.13 -1.13
C THR A 30 5.11 -3.24 -2.25
N ILE A 31 4.79 -4.04 -3.29
CA ILE A 31 5.65 -4.14 -4.47
C ILE A 31 5.34 -2.91 -5.34
N LEU A 32 6.37 -2.06 -5.58
CA LEU A 32 6.25 -0.87 -6.44
C LEU A 32 6.68 -1.24 -7.83
N SER A 33 7.69 -2.13 -7.91
CA SER A 33 8.32 -2.61 -9.16
C SER A 33 9.13 -3.90 -8.86
N GLU A 34 9.79 -4.46 -9.88
CA GLU A 34 10.63 -5.62 -9.75
C GLU A 34 11.75 -5.53 -8.68
N PHE A 35 12.37 -4.35 -8.52
CA PHE A 35 13.44 -4.17 -7.52
C PHE A 35 13.06 -3.48 -6.21
N TYR A 36 11.89 -2.86 -6.12
CA TYR A 36 11.55 -2.06 -4.96
C TYR A 36 10.36 -2.46 -4.13
N ILE A 37 10.54 -2.41 -2.81
CA ILE A 37 9.49 -2.67 -1.83
C ILE A 37 9.32 -1.40 -1.01
N LEU A 38 8.06 -0.98 -0.82
CA LEU A 38 7.68 0.16 0.00
C LEU A 38 7.25 -0.39 1.37
N THR A 39 7.84 0.11 2.46
CA THR A 39 7.48 -0.32 3.83
C THR A 39 7.46 0.84 4.85
N ALA A 40 7.16 0.53 6.13
CA ALA A 40 7.13 1.51 7.23
C ALA A 40 8.54 1.58 7.80
N ALA A 41 8.99 2.77 8.21
CA ALA A 41 10.34 2.93 8.78
C ALA A 41 10.52 2.12 10.06
N HIS A 42 9.56 2.19 10.99
CA HIS A 42 9.59 1.49 12.28
C HIS A 42 9.77 -0.04 12.20
N CYS A 43 9.34 -0.65 11.08
CA CYS A 43 9.50 -2.07 10.82
C CYS A 43 10.96 -2.48 10.81
N LEU A 44 11.87 -1.55 10.46
CA LEU A 44 13.32 -1.80 10.43
C LEU A 44 13.95 -2.11 11.80
N TYR A 45 13.23 -1.77 12.91
CA TYR A 45 13.67 -2.03 14.28
C TYR A 45 13.19 -3.39 14.78
N GLN A 46 12.11 -3.93 14.18
CA GLN A 46 11.47 -5.19 14.56
C GLN A 46 12.31 -6.45 14.25
N ALA A 47 13.43 -6.31 13.51
CA ALA A 47 14.34 -7.41 13.17
C ALA A 47 15.74 -6.91 12.75
N LYS A 48 16.79 -7.60 13.22
CA LYS A 48 18.20 -7.28 12.94
C LYS A 48 18.52 -7.44 11.43
N ARG A 49 18.28 -8.65 10.90
CA ARG A 49 18.47 -9.00 9.48
C ARG A 49 17.14 -9.54 8.97
N PHE A 50 16.68 -9.06 7.80
CA PHE A 50 15.41 -9.55 7.24
C PHE A 50 15.41 -9.76 5.71
N LYS A 51 14.54 -10.66 5.24
CA LYS A 51 14.30 -10.92 3.82
C LYS A 51 12.86 -10.50 3.41
N VAL A 52 12.57 -10.53 2.11
CA VAL A 52 11.27 -10.13 1.58
C VAL A 52 10.66 -11.31 0.85
N ARG A 53 9.49 -11.73 1.32
CA ARG A 53 8.77 -12.84 0.73
C ARG A 53 7.63 -12.29 -0.15
N VAL A 54 7.49 -12.81 -1.38
CA VAL A 54 6.42 -12.41 -2.31
C VAL A 54 5.65 -13.65 -2.85
N GLY A 55 4.43 -13.42 -3.35
CA GLY A 55 3.58 -14.47 -3.91
C GLY A 55 3.08 -15.49 -2.92
N ASP A 56 3.21 -15.15 -1.62
CA ASP A 56 2.81 -15.92 -0.45
C ASP A 56 1.43 -15.47 0.00
N ARG A 57 0.58 -16.42 0.35
CA ARG A 57 -0.78 -16.18 0.83
C ARG A 57 -1.08 -17.04 2.07
N ASN A 58 -0.35 -18.14 2.22
CA ASN A 58 -0.47 -19.08 3.34
C ASN A 58 0.95 -19.39 3.75
N THR A 59 1.38 -18.97 4.94
CA THR A 59 2.76 -19.17 5.40
C THR A 59 3.17 -20.62 5.61
N GLU A 60 2.33 -21.43 6.27
CA GLU A 60 2.60 -22.84 6.57
C GLU A 60 2.75 -23.74 5.34
N GLN A 61 2.14 -23.38 4.19
CA GLN A 61 2.23 -24.17 2.96
C GLN A 61 2.87 -23.44 1.79
N GLU A 62 3.92 -24.04 1.19
CA GLU A 62 4.64 -23.48 0.04
C GLU A 62 3.79 -23.44 -1.23
N GLU A 63 3.73 -22.25 -1.86
CA GLU A 63 2.90 -21.97 -3.03
C GLU A 63 3.53 -22.10 -4.42
N GLY A 64 4.80 -22.54 -4.48
CA GLY A 64 5.53 -22.75 -5.74
C GLY A 64 5.83 -21.49 -6.53
N GLY A 65 4.88 -20.56 -6.50
CA GLY A 65 5.00 -19.25 -7.11
C GLY A 65 5.51 -18.22 -6.11
N GLU A 66 5.74 -18.70 -4.87
CA GLU A 66 6.30 -17.99 -3.72
C GLU A 66 7.80 -17.82 -3.96
N ALA A 67 8.35 -16.66 -3.55
CA ALA A 67 9.76 -16.33 -3.75
C ALA A 67 10.36 -15.49 -2.60
N VAL A 68 11.62 -15.80 -2.22
CA VAL A 68 12.35 -15.08 -1.18
C VAL A 68 13.39 -14.17 -1.86
N HIS A 69 13.47 -12.90 -1.41
CA HIS A 69 14.39 -11.91 -1.96
C HIS A 69 15.19 -11.25 -0.86
N GLU A 70 16.50 -11.11 -1.06
CA GLU A 70 17.32 -10.42 -0.07
C GLU A 70 17.29 -8.92 -0.40
N VAL A 71 17.65 -8.10 0.59
CA VAL A 71 17.67 -6.65 0.49
C VAL A 71 19.09 -6.16 0.20
N GLU A 72 19.27 -5.42 -0.89
CA GLU A 72 20.56 -4.82 -1.22
C GLU A 72 20.69 -3.52 -0.44
N VAL A 73 19.78 -2.55 -0.69
CA VAL A 73 19.81 -1.24 -0.04
C VAL A 73 18.53 -0.94 0.74
N VAL A 74 18.67 -0.39 1.96
CA VAL A 74 17.58 0.05 2.81
C VAL A 74 17.63 1.60 2.80
N ILE A 75 16.59 2.23 2.21
CA ILE A 75 16.49 3.68 2.08
C ILE A 75 15.44 4.16 3.10
N LYS A 76 15.91 4.55 4.28
CA LYS A 76 15.09 5.02 5.39
C LYS A 76 15.02 6.56 5.41
N HIS A 77 13.85 7.09 5.79
CA HIS A 77 13.62 8.52 5.92
C HIS A 77 14.19 8.99 7.26
N ASN A 78 15.26 9.80 7.21
CA ASN A 78 15.99 10.31 8.39
C ASN A 78 15.14 11.10 9.38
N ARG A 79 14.03 11.67 8.90
CA ARG A 79 13.10 12.48 9.71
C ARG A 79 12.21 11.64 10.67
N PHE A 80 12.34 10.29 10.64
CA PHE A 80 11.54 9.38 11.47
C PHE A 80 12.02 9.18 12.93
N THR A 81 11.07 9.24 13.87
CA THR A 81 11.33 9.03 15.29
C THR A 81 10.15 8.36 15.97
N LYS A 82 10.45 7.47 16.94
CA LYS A 82 9.47 6.73 17.73
C LYS A 82 8.63 7.66 18.62
N GLU A 83 9.06 8.93 18.77
CA GLU A 83 8.38 9.89 19.62
C GLU A 83 7.20 10.50 18.90
N THR A 84 7.31 10.67 17.59
CA THR A 84 6.26 11.27 16.77
C THR A 84 5.58 10.28 15.82
N TYR A 85 6.31 9.23 15.38
CA TYR A 85 5.88 8.22 14.40
C TYR A 85 5.65 8.85 13.03
N ASP A 86 6.22 10.07 12.82
CA ASP A 86 6.13 10.84 11.58
C ASP A 86 7.14 10.33 10.56
N PHE A 87 6.78 10.46 9.27
CA PHE A 87 7.61 10.05 8.13
C PHE A 87 7.85 8.53 8.23
N ASP A 88 6.80 7.77 8.60
CA ASP A 88 6.88 6.31 8.76
C ASP A 88 6.86 5.67 7.37
N ILE A 89 8.02 5.76 6.67
CA ILE A 89 8.25 5.32 5.31
C ILE A 89 9.67 4.90 5.08
N ALA A 90 9.84 3.80 4.37
CA ALA A 90 11.12 3.28 3.92
C ALA A 90 10.92 2.61 2.57
N VAL A 91 12.00 2.58 1.77
CA VAL A 91 12.10 1.92 0.47
C VAL A 91 13.23 0.87 0.52
N LEU A 92 12.92 -0.36 0.08
CA LEU A 92 13.90 -1.43 0.03
C LEU A 92 14.19 -1.75 -1.43
N ARG A 93 15.48 -1.78 -1.83
CA ARG A 93 15.93 -2.19 -3.16
C ARG A 93 16.40 -3.59 -2.94
N LEU A 94 16.00 -4.51 -3.82
CA LEU A 94 16.34 -5.92 -3.71
C LEU A 94 17.59 -6.31 -4.48
N LYS A 95 18.24 -7.39 -4.03
CA LYS A 95 19.42 -7.93 -4.66
C LYS A 95 18.99 -8.56 -6.03
N THR A 96 17.87 -9.28 -6.05
CA THR A 96 17.35 -9.92 -7.27
C THR A 96 15.96 -9.36 -7.67
N PRO A 97 15.65 -9.20 -8.98
CA PRO A 97 14.32 -8.68 -9.35
C PRO A 97 13.20 -9.72 -9.18
N ILE A 98 11.99 -9.22 -8.83
CA ILE A 98 10.80 -10.03 -8.63
C ILE A 98 10.28 -10.50 -9.96
N THR A 99 9.88 -11.80 -10.05
CA THR A 99 9.22 -12.38 -11.22
C THR A 99 7.71 -12.16 -11.03
N PHE A 100 7.11 -11.42 -11.95
CA PHE A 100 5.70 -11.14 -11.91
C PHE A 100 4.99 -12.28 -12.53
N ARG A 101 3.97 -12.74 -11.83
CA ARG A 101 3.14 -13.89 -12.15
C ARG A 101 1.85 -13.73 -11.35
N MET A 102 0.96 -14.74 -11.39
CA MET A 102 -0.26 -14.76 -10.58
C MET A 102 0.20 -14.61 -9.12
N ASN A 103 -0.42 -13.69 -8.36
CA ASN A 103 -0.06 -13.32 -6.97
C ASN A 103 1.20 -12.47 -6.85
N VAL A 104 1.87 -12.15 -7.96
CA VAL A 104 3.05 -11.32 -7.91
C VAL A 104 3.03 -10.26 -8.99
N ALA A 105 2.66 -9.03 -8.62
CA ALA A 105 2.61 -7.87 -9.53
C ALA A 105 2.71 -6.59 -8.69
N PRO A 106 3.23 -5.48 -9.24
CA PRO A 106 3.33 -4.27 -8.40
C PRO A 106 2.01 -3.46 -8.32
N ALA A 107 1.90 -2.58 -7.31
CA ALA A 107 0.74 -1.68 -7.21
C ALA A 107 1.23 -0.39 -7.88
N CYS A 108 0.30 0.34 -8.51
CA CYS A 108 0.58 1.57 -9.23
C CYS A 108 0.93 2.70 -8.29
N LEU A 109 1.84 3.59 -8.72
CA LEU A 109 2.18 4.79 -7.94
C LEU A 109 1.45 5.91 -8.61
N PRO A 110 0.47 6.53 -7.95
CA PRO A 110 -0.24 7.63 -8.61
C PRO A 110 0.57 8.94 -8.64
N GLU A 111 0.06 9.94 -9.35
CA GLU A 111 0.67 11.27 -9.36
C GLU A 111 0.09 12.04 -8.19
N ARG A 112 0.84 13.03 -7.61
CA ARG A 112 0.42 13.73 -6.40
C ARG A 112 -0.99 14.32 -6.36
N ASP A 113 -1.28 15.39 -7.14
CA ASP A 113 -2.61 16.04 -7.10
C ASP A 113 -3.77 15.11 -7.44
N TRP A 114 -3.62 14.28 -8.50
CA TRP A 114 -4.63 13.32 -8.91
C TRP A 114 -4.97 12.33 -7.79
N ALA A 115 -3.92 11.84 -7.09
CA ALA A 115 -4.08 10.95 -5.95
C ALA A 115 -4.90 11.65 -4.85
N GLU A 116 -4.60 12.94 -4.56
CA GLU A 116 -5.29 13.74 -3.56
C GLU A 116 -6.75 14.04 -3.89
N SER A 117 -7.04 14.44 -5.13
CA SER A 117 -8.40 14.81 -5.57
C SER A 117 -9.29 13.65 -5.99
N THR A 118 -8.70 12.61 -6.61
CA THR A 118 -9.46 11.49 -7.13
C THR A 118 -9.37 10.19 -6.33
N LEU A 119 -8.25 9.90 -5.62
CA LEU A 119 -8.17 8.64 -4.82
C LEU A 119 -8.63 8.83 -3.40
N MET A 120 -7.97 9.75 -2.65
CA MET A 120 -8.28 10.04 -1.25
C MET A 120 -9.71 10.53 -1.02
N THR A 121 -10.43 10.86 -2.10
CA THR A 121 -11.83 11.30 -2.08
C THR A 121 -12.83 10.15 -2.29
N GLN A 122 -12.34 8.94 -2.71
CA GLN A 122 -13.20 7.75 -2.87
C GLN A 122 -13.64 7.35 -1.45
N LYS A 123 -14.76 6.62 -1.35
CA LYS A 123 -15.32 6.21 -0.06
C LYS A 123 -14.38 5.31 0.74
N THR A 124 -13.78 4.29 0.09
CA THR A 124 -12.89 3.33 0.75
C THR A 124 -11.55 3.03 0.03
N GLY A 125 -10.68 2.36 0.78
CA GLY A 125 -9.41 1.78 0.36
C GLY A 125 -9.40 0.34 0.86
N ILE A 126 -8.37 -0.42 0.49
CA ILE A 126 -8.27 -1.79 0.96
C ILE A 126 -6.91 -1.88 1.62
N VAL A 127 -6.91 -2.41 2.84
CA VAL A 127 -5.71 -2.67 3.64
C VAL A 127 -5.62 -4.18 3.62
N SER A 128 -4.39 -4.74 3.75
CA SER A 128 -4.16 -6.19 3.71
C SER A 128 -2.94 -6.53 4.48
N GLY A 129 -2.88 -7.75 5.04
CA GLY A 129 -1.71 -8.21 5.78
C GLY A 129 -1.82 -9.54 6.46
N PHE A 130 -0.66 -10.01 6.98
CA PHE A 130 -0.48 -11.27 7.71
C PHE A 130 -0.42 -11.02 9.23
N GLY A 131 -0.78 -9.81 9.66
CA GLY A 131 -0.80 -9.45 11.07
C GLY A 131 -1.94 -10.09 11.84
N ARG A 132 -1.88 -9.97 13.18
CA ARG A 132 -2.81 -10.44 14.21
C ARG A 132 -4.27 -10.39 13.85
N THR A 133 -4.98 -11.48 14.16
CA THR A 133 -6.40 -11.59 13.86
C THR A 133 -7.28 -11.02 14.96
N HIS A 134 -6.65 -10.75 16.12
CA HIS A 134 -7.21 -10.18 17.35
C HIS A 134 -6.10 -9.37 18.00
N GLU A 135 -6.46 -8.27 18.70
CA GLU A 135 -5.52 -7.40 19.39
C GLU A 135 -4.53 -8.24 20.25
N LYS A 136 -5.07 -9.22 20.98
CA LYS A 136 -4.24 -10.17 21.72
C LYS A 136 -4.31 -11.48 20.90
N GLY A 137 -3.17 -11.84 20.32
CA GLY A 137 -3.03 -13.01 19.47
C GLY A 137 -1.68 -13.10 18.78
N ARG A 138 -1.51 -14.15 17.96
CA ARG A 138 -0.27 -14.35 17.22
C ARG A 138 -0.44 -13.96 15.74
N GLN A 139 0.69 -13.85 15.00
CA GLN A 139 0.72 -13.52 13.57
C GLN A 139 -0.14 -14.48 12.76
N SER A 140 -0.93 -13.95 11.81
CA SER A 140 -1.80 -14.74 10.93
C SER A 140 -0.95 -15.55 9.95
N THR A 141 -1.41 -16.76 9.61
CA THR A 141 -0.73 -17.64 8.64
C THR A 141 -1.31 -17.39 7.24
N ARG A 142 -2.52 -16.80 7.19
CA ARG A 142 -3.27 -16.47 5.98
C ARG A 142 -3.31 -14.97 5.72
N LEU A 143 -3.08 -14.58 4.46
CA LEU A 143 -3.13 -13.19 4.05
C LEU A 143 -4.58 -12.74 3.96
N LYS A 144 -4.91 -11.72 4.74
CA LYS A 144 -6.25 -11.18 4.76
C LYS A 144 -6.28 -9.78 4.15
N MET A 145 -7.51 -9.28 3.90
CA MET A 145 -7.78 -7.95 3.34
C MET A 145 -9.07 -7.41 3.93
N LEU A 146 -9.15 -6.07 4.04
CA LEU A 146 -10.30 -5.41 4.59
C LEU A 146 -10.53 -4.06 3.92
N GLU A 147 -11.77 -3.85 3.44
CA GLU A 147 -12.18 -2.58 2.84
C GLU A 147 -12.37 -1.62 4.00
N VAL A 148 -11.70 -0.43 3.96
CA VAL A 148 -11.77 0.58 5.05
C VAL A 148 -12.25 1.94 4.56
N PRO A 149 -13.27 2.53 5.19
CA PRO A 149 -13.73 3.87 4.75
C PRO A 149 -12.68 4.94 5.04
N TYR A 150 -12.44 5.87 4.09
CA TYR A 150 -11.51 6.99 4.31
C TYR A 150 -12.14 7.82 5.43
N VAL A 151 -11.38 8.10 6.47
CA VAL A 151 -11.90 8.83 7.62
C VAL A 151 -11.55 10.33 7.53
N ASP A 152 -12.59 11.16 7.78
CA ASP A 152 -12.58 12.63 7.85
C ASP A 152 -11.41 13.09 8.72
N ARG A 153 -10.61 13.98 8.15
CA ARG A 153 -9.39 14.54 8.71
C ARG A 153 -9.47 15.07 10.16
N ASN A 154 -10.42 15.96 10.48
CA ASN A 154 -10.52 16.48 11.84
C ASN A 154 -11.08 15.43 12.83
N SER A 155 -12.04 14.61 12.35
CA SER A 155 -12.64 13.49 13.08
C SER A 155 -11.56 12.48 13.48
N CYS A 156 -10.54 12.32 12.62
CA CYS A 156 -9.39 11.44 12.85
C CYS A 156 -8.57 12.02 14.01
N LYS A 157 -8.20 13.34 13.93
CA LYS A 157 -7.43 14.03 14.95
C LYS A 157 -8.12 13.90 16.32
N LEU A 158 -9.46 14.01 16.34
CA LEU A 158 -10.29 13.91 17.55
C LEU A 158 -10.20 12.54 18.23
N SER A 159 -10.26 11.47 17.42
CA SER A 159 -10.22 10.09 17.90
C SER A 159 -8.88 9.71 18.51
N SER A 160 -7.83 10.43 18.19
CA SER A 160 -6.49 10.09 18.62
C SER A 160 -6.05 10.79 19.87
N SER A 161 -5.31 10.04 20.71
CA SER A 161 -4.70 10.55 21.93
C SER A 161 -3.29 11.06 21.58
N PHE A 162 -2.89 10.90 20.30
CA PHE A 162 -1.59 11.33 19.79
C PHE A 162 -1.78 12.33 18.63
N ILE A 163 -0.68 13.00 18.22
CA ILE A 163 -0.70 13.97 17.12
C ILE A 163 -0.74 13.28 15.74
N ILE A 164 -1.78 13.57 14.94
CA ILE A 164 -1.94 13.08 13.56
C ILE A 164 -1.39 14.15 12.60
N THR A 165 -0.13 13.98 12.18
CA THR A 165 0.57 14.89 11.28
C THR A 165 0.03 14.83 9.86
N GLN A 166 0.48 15.79 9.02
CA GLN A 166 0.09 15.88 7.60
C GLN A 166 0.63 14.72 6.74
N ASN A 167 1.57 13.92 7.28
CA ASN A 167 2.10 12.73 6.60
C ASN A 167 1.28 11.47 6.99
N MET A 168 0.32 11.60 7.89
CA MET A 168 -0.52 10.51 8.34
C MET A 168 -1.97 10.69 7.85
N PHE A 169 -2.75 9.57 7.72
CA PHE A 169 -4.19 9.60 7.40
C PHE A 169 -4.95 8.44 8.07
N CYS A 170 -6.22 8.68 8.47
CA CYS A 170 -7.15 7.73 9.11
C CYS A 170 -8.02 7.06 8.09
N ALA A 171 -8.29 5.78 8.34
CA ALA A 171 -9.20 4.91 7.60
C ALA A 171 -9.70 3.84 8.58
N GLY A 172 -10.97 3.52 8.50
CA GLY A 172 -11.55 2.52 9.38
C GLY A 172 -12.98 2.79 9.79
N TYR A 173 -13.38 2.12 10.89
CA TYR A 173 -14.73 2.09 11.44
C TYR A 173 -14.78 2.58 12.86
N ASP A 174 -15.78 3.41 13.17
CA ASP A 174 -16.00 3.95 14.52
C ASP A 174 -16.56 2.88 15.44
N THR A 175 -17.49 2.02 14.94
CA THR A 175 -18.14 0.99 15.79
C THR A 175 -17.84 -0.45 15.37
N LYS A 176 -17.81 -0.73 14.04
CA LYS A 176 -17.57 -2.05 13.42
C LYS A 176 -16.17 -2.51 13.83
N GLN A 177 -16.10 -3.70 14.44
CA GLN A 177 -14.85 -4.21 14.98
C GLN A 177 -13.99 -5.02 14.03
N GLU A 178 -13.54 -4.32 12.99
CA GLU A 178 -12.64 -4.78 11.95
C GLU A 178 -11.67 -3.63 11.61
N ASP A 179 -10.35 -3.92 11.69
CA ASP A 179 -9.25 -3.00 11.36
C ASP A 179 -7.95 -3.76 11.21
N ALA A 180 -6.86 -3.07 10.90
CA ALA A 180 -5.53 -3.66 10.79
C ALA A 180 -5.02 -3.87 12.21
N CYS A 181 -3.90 -4.58 12.38
CA CYS A 181 -3.32 -4.82 13.69
C CYS A 181 -1.81 -4.97 13.58
N GLN A 182 -1.14 -5.26 14.73
CA GLN A 182 0.29 -5.52 14.85
C GLN A 182 0.67 -6.57 13.82
N GLY A 183 1.74 -6.31 13.08
CA GLY A 183 2.21 -7.21 12.04
C GLY A 183 1.79 -6.81 10.65
N ASP A 184 0.73 -5.97 10.54
CA ASP A 184 0.22 -5.46 9.27
C ASP A 184 1.00 -4.21 8.85
N SER A 185 1.81 -3.64 9.77
CA SER A 185 2.62 -2.46 9.53
C SER A 185 3.51 -2.65 8.32
N GLY A 186 3.64 -1.55 7.54
CA GLY A 186 4.41 -1.52 6.32
C GLY A 186 3.64 -2.02 5.11
N GLY A 187 2.52 -2.70 5.38
CA GLY A 187 1.65 -3.28 4.37
C GLY A 187 0.93 -2.28 3.48
N PRO A 188 0.26 -2.78 2.43
CA PRO A 188 -0.37 -1.85 1.49
C PRO A 188 -1.71 -1.34 1.90
N HIS A 189 -2.02 -0.11 1.50
CA HIS A 189 -3.32 0.53 1.54
C HIS A 189 -3.48 1.03 0.13
N VAL A 190 -4.27 0.33 -0.67
CA VAL A 190 -4.54 0.68 -2.06
C VAL A 190 -5.97 1.24 -2.26
N THR A 191 -6.16 2.12 -3.26
CA THR A 191 -7.46 2.67 -3.66
C THR A 191 -7.65 2.29 -5.12
N ARG A 192 -8.77 1.63 -5.40
CA ARG A 192 -9.14 1.21 -6.75
C ARG A 192 -9.77 2.36 -7.49
N PHE A 193 -9.24 2.68 -8.66
CA PHE A 193 -9.84 3.67 -9.54
C PHE A 193 -9.93 2.98 -10.88
N LYS A 194 -11.18 2.86 -11.41
CA LYS A 194 -11.47 2.20 -12.68
C LYS A 194 -10.74 0.85 -12.82
N ASP A 195 -10.97 -0.10 -11.89
CA ASP A 195 -10.33 -1.44 -11.96
C ASP A 195 -8.77 -1.49 -11.84
N THR A 196 -8.14 -0.36 -11.52
CA THR A 196 -6.69 -0.27 -11.35
C THR A 196 -6.38 0.15 -9.90
N TYR A 197 -5.40 -0.50 -9.25
CA TYR A 197 -5.07 -0.26 -7.85
C TYR A 197 -3.85 0.58 -7.63
N PHE A 198 -4.02 1.72 -6.97
CA PHE A 198 -2.92 2.63 -6.73
C PHE A 198 -2.50 2.59 -5.28
N VAL A 199 -1.19 2.66 -5.02
CA VAL A 199 -0.74 2.67 -3.62
C VAL A 199 -0.96 4.06 -2.96
N THR A 200 -1.77 4.06 -1.87
CA THR A 200 -2.16 5.25 -1.12
C THR A 200 -1.61 5.33 0.30
N GLY A 201 -1.50 4.21 0.99
CA GLY A 201 -0.98 4.23 2.35
C GLY A 201 -0.04 3.11 2.71
N ILE A 202 0.69 3.29 3.81
CA ILE A 202 1.58 2.31 4.43
C ILE A 202 1.02 2.16 5.85
N VAL A 203 0.59 0.94 6.26
CA VAL A 203 0.06 0.75 7.62
C VAL A 203 1.11 1.29 8.62
N SER A 204 0.73 2.33 9.39
CA SER A 204 1.68 2.95 10.33
C SER A 204 1.43 2.48 11.76
N TRP A 205 0.26 2.82 12.34
CA TRP A 205 -0.04 2.49 13.74
C TRP A 205 -1.53 2.69 14.09
N GLY A 206 -1.84 2.34 15.34
CA GLY A 206 -3.17 2.46 15.92
C GLY A 206 -3.11 2.20 17.40
N GLU A 207 -4.18 2.56 18.10
CA GLU A 207 -4.30 2.32 19.54
C GLU A 207 -5.10 1.02 19.67
N GLY A 208 -4.35 -0.06 19.81
CA GLY A 208 -4.93 -1.39 19.79
C GLY A 208 -5.36 -1.72 18.38
N CYS A 209 -6.31 -2.66 18.24
CA CYS A 209 -6.82 -3.09 16.93
C CYS A 209 -8.31 -3.25 16.99
N ALA A 210 -9.02 -2.63 16.03
CA ALA A 210 -10.47 -2.59 15.85
C ALA A 210 -11.18 -2.02 17.08
N ARG A 211 -10.48 -1.18 17.86
CA ARG A 211 -11.08 -0.53 19.02
C ARG A 211 -12.12 0.51 18.60
N LYS A 212 -13.34 0.37 19.14
CA LYS A 212 -14.47 1.27 18.92
C LYS A 212 -14.04 2.74 19.20
N GLY A 213 -14.37 3.63 18.27
CA GLY A 213 -14.03 5.06 18.31
C GLY A 213 -12.63 5.42 17.83
N LYS A 214 -11.79 4.40 17.54
CA LYS A 214 -10.41 4.59 17.06
C LYS A 214 -10.24 4.06 15.63
N TYR A 215 -9.16 4.47 14.95
CA TYR A 215 -8.92 4.06 13.55
C TYR A 215 -7.48 3.62 13.30
N GLY A 216 -7.23 3.17 12.08
CA GLY A 216 -5.92 2.80 11.63
C GLY A 216 -5.28 4.02 11.03
N ILE A 217 -4.02 4.28 11.39
CA ILE A 217 -3.26 5.43 10.91
C ILE A 217 -2.28 4.90 9.90
N TYR A 218 -2.25 5.54 8.71
CA TYR A 218 -1.37 5.18 7.61
C TYR A 218 -0.55 6.38 7.21
N THR A 219 0.62 6.13 6.62
CA THR A 219 1.50 7.11 5.99
C THR A 219 0.79 7.48 4.68
N LYS A 220 0.68 8.78 4.41
CA LYS A 220 0.05 9.33 3.22
C LYS A 220 1.15 9.25 2.18
N VAL A 221 1.07 8.26 1.31
CA VAL A 221 2.05 8.04 0.22
C VAL A 221 2.25 9.29 -0.66
N THR A 222 1.15 10.04 -0.97
CA THR A 222 1.22 11.26 -1.80
C THR A 222 2.22 12.28 -1.27
N ALA A 223 2.39 12.34 0.06
CA ALA A 223 3.34 13.23 0.75
C ALA A 223 4.80 12.88 0.44
N PHE A 224 5.05 11.69 -0.17
CA PHE A 224 6.40 11.17 -0.43
C PHE A 224 6.73 10.68 -1.84
N LEU A 225 5.91 11.01 -2.86
CA LEU A 225 6.14 10.55 -4.25
C LEU A 225 7.50 10.90 -4.90
N LYS A 226 8.02 12.11 -4.60
CA LYS A 226 9.32 12.61 -5.08
C LYS A 226 10.45 11.86 -4.38
N TRP A 227 10.32 11.69 -3.06
CA TRP A 227 11.29 10.97 -2.23
C TRP A 227 11.31 9.49 -2.69
N ILE A 228 10.12 8.89 -2.96
CA ILE A 228 9.98 7.52 -3.48
C ILE A 228 10.66 7.43 -4.86
N ASP A 229 10.35 8.36 -5.78
CA ASP A 229 10.94 8.39 -7.11
C ASP A 229 12.46 8.45 -7.05
N ARG A 230 13.01 9.39 -6.24
CA ARG A 230 14.45 9.57 -6.02
C ARG A 230 15.08 8.30 -5.45
N SER A 231 14.38 7.60 -4.52
CA SER A 231 14.85 6.35 -3.91
C SER A 231 15.12 5.30 -5.00
N MET A 232 14.20 5.14 -5.97
CA MET A 232 14.30 4.19 -7.08
C MET A 232 15.41 4.53 -8.10
N LYS A 233 15.89 5.79 -8.08
CA LYS A 233 17.00 6.25 -8.92
C LYS A 233 18.35 5.86 -8.25
N THR A 234 18.29 5.52 -6.93
CA THR A 234 19.42 5.08 -6.09
C THR A 234 19.11 3.72 -5.34
N LYS B 1 -16.17 21.86 -16.32
CA LYS B 1 -15.96 20.86 -15.28
C LYS B 1 -14.73 19.98 -15.48
N LEU B 2 -14.31 19.78 -16.75
CA LEU B 2 -13.10 19.03 -17.13
C LEU B 2 -12.78 17.75 -16.30
N CYS B 3 -11.60 17.70 -15.65
CA CYS B 3 -11.13 16.61 -14.77
C CYS B 3 -12.05 16.26 -13.61
N SER B 4 -12.89 17.20 -13.20
CA SER B 4 -13.80 17.04 -12.07
C SER B 4 -15.05 16.34 -12.53
N LEU B 5 -15.31 16.39 -13.84
CA LEU B 5 -16.44 15.69 -14.44
C LEU B 5 -15.94 14.34 -14.92
N ASP B 6 -16.22 13.30 -14.11
CA ASP B 6 -15.85 11.92 -14.38
C ASP B 6 -14.40 11.77 -14.85
N ASN B 7 -13.45 12.29 -14.04
CA ASN B 7 -12.03 12.16 -14.33
C ASN B 7 -11.61 12.61 -15.78
N GLY B 8 -12.44 13.46 -16.38
CA GLY B 8 -12.24 13.97 -17.74
C GLY B 8 -12.18 12.87 -18.79
N ASP B 9 -12.85 11.72 -18.51
CA ASP B 9 -12.90 10.51 -19.34
C ASP B 9 -11.54 9.79 -19.42
N CYS B 10 -10.58 10.19 -18.58
CA CYS B 10 -9.27 9.54 -18.56
C CYS B 10 -9.39 8.18 -17.86
N ASP B 11 -8.55 7.22 -18.24
CA ASP B 11 -8.50 5.91 -17.61
C ASP B 11 -7.87 6.11 -16.24
N GLN B 12 -6.76 6.86 -16.22
CA GLN B 12 -6.02 7.16 -15.02
C GLN B 12 -5.86 8.66 -14.77
N PHE B 13 -4.64 9.19 -14.91
CA PHE B 13 -4.32 10.58 -14.57
C PHE B 13 -5.01 11.62 -15.40
N CYS B 14 -5.61 12.61 -14.72
CA CYS B 14 -6.26 13.77 -15.31
C CYS B 14 -5.62 15.08 -14.85
N HIS B 15 -5.30 15.95 -15.82
CA HIS B 15 -4.70 17.26 -15.62
C HIS B 15 -5.41 18.25 -16.53
N GLU B 16 -5.33 19.53 -16.17
CA GLU B 16 -5.88 20.63 -16.95
C GLU B 16 -4.70 21.48 -17.45
N GLU B 17 -4.62 21.65 -18.78
CA GLU B 17 -3.61 22.42 -19.50
C GLU B 17 -4.35 23.23 -20.57
N GLN B 18 -4.21 24.58 -20.53
CA GLN B 18 -4.89 25.55 -21.42
C GLN B 18 -6.42 25.34 -21.43
N ASN B 19 -7.02 25.28 -20.22
CA ASN B 19 -8.46 25.08 -19.97
C ASN B 19 -9.07 23.78 -20.58
N SER B 20 -8.23 22.80 -20.95
CA SER B 20 -8.70 21.51 -21.48
C SER B 20 -8.23 20.31 -20.59
N VAL B 21 -8.72 19.10 -20.90
CA VAL B 21 -8.39 17.85 -20.21
C VAL B 21 -7.16 17.25 -20.88
N VAL B 22 -6.18 16.83 -20.06
CA VAL B 22 -4.97 16.16 -20.55
C VAL B 22 -4.79 14.91 -19.65
N CYS B 23 -4.82 13.71 -20.28
CA CYS B 23 -4.69 12.40 -19.63
C CYS B 23 -3.28 11.86 -19.75
N SER B 24 -2.87 11.07 -18.74
CA SER B 24 -1.59 10.37 -18.74
C SER B 24 -1.75 9.05 -17.98
N CYS B 25 -0.71 8.19 -18.01
CA CYS B 25 -0.78 6.86 -17.38
C CYS B 25 0.39 6.61 -16.44
N ALA B 26 0.26 5.56 -15.60
CA ALA B 26 1.31 5.13 -14.67
C ALA B 26 2.41 4.49 -15.51
N ARG B 27 3.54 4.11 -14.90
CA ARG B 27 4.61 3.47 -15.67
C ARG B 27 4.23 2.02 -16.01
N GLY B 28 4.35 1.70 -17.28
CA GLY B 28 4.01 0.38 -17.81
C GLY B 28 2.79 0.41 -18.69
N TYR B 29 2.26 1.62 -18.94
CA TYR B 29 1.09 1.86 -19.76
C TYR B 29 1.39 2.98 -20.71
N THR B 30 0.81 2.87 -21.91
CA THR B 30 0.93 3.88 -22.94
C THR B 30 -0.45 4.45 -23.18
N LEU B 31 -0.50 5.78 -23.38
CA LEU B 31 -1.75 6.47 -23.66
C LEU B 31 -2.20 6.08 -25.06
N ALA B 32 -3.50 5.71 -25.18
CA ALA B 32 -4.16 5.33 -26.42
C ALA B 32 -4.19 6.51 -27.39
N ASP B 33 -4.62 6.26 -28.64
CA ASP B 33 -4.77 7.28 -29.69
C ASP B 33 -5.86 8.25 -29.30
N ASN B 34 -6.93 7.76 -28.62
CA ASN B 34 -8.03 8.59 -28.14
C ASN B 34 -7.58 9.59 -27.04
N GLY B 35 -6.33 9.44 -26.58
CA GLY B 35 -5.68 10.26 -25.56
C GLY B 35 -6.33 10.14 -24.19
N LYS B 36 -7.15 9.07 -23.98
CA LYS B 36 -7.89 8.82 -22.73
C LYS B 36 -7.51 7.49 -22.05
N ALA B 37 -7.60 6.35 -22.78
CA ALA B 37 -7.30 5.01 -22.24
C ALA B 37 -5.84 4.77 -22.02
N CYS B 38 -5.51 3.85 -21.10
CA CYS B 38 -4.14 3.43 -20.79
C CYS B 38 -3.95 1.99 -21.21
N ILE B 39 -2.99 1.74 -22.11
CA ILE B 39 -2.68 0.42 -22.64
C ILE B 39 -1.46 -0.18 -21.95
N PRO B 40 -1.55 -1.39 -21.36
CA PRO B 40 -0.35 -2.01 -20.76
C PRO B 40 0.69 -2.36 -21.83
N THR B 41 1.97 -2.00 -21.61
CA THR B 41 3.05 -2.30 -22.57
C THR B 41 3.45 -3.77 -22.52
N GLY B 42 3.29 -4.39 -21.36
CA GLY B 42 3.65 -5.78 -21.17
C GLY B 42 2.73 -6.51 -20.22
N PRO B 43 3.01 -7.80 -19.90
CA PRO B 43 2.14 -8.52 -18.96
C PRO B 43 2.37 -7.97 -17.54
N TYR B 44 1.42 -8.31 -16.65
CA TYR B 44 1.45 -7.89 -15.24
C TYR B 44 1.69 -6.37 -15.05
N PRO B 45 0.95 -5.44 -15.74
CA PRO B 45 1.13 -4.00 -15.47
C PRO B 45 0.68 -3.71 -14.04
N CYS B 46 1.11 -2.58 -13.49
CA CYS B 46 0.79 -2.26 -12.11
C CYS B 46 -0.69 -2.11 -11.81
N GLY B 47 -1.03 -2.38 -10.56
CA GLY B 47 -2.40 -2.24 -10.07
C GLY B 47 -3.45 -3.13 -10.67
N LYS B 48 -3.06 -4.16 -11.41
CA LYS B 48 -4.00 -5.14 -11.98
C LYS B 48 -3.97 -6.40 -11.15
N GLN B 49 -5.15 -6.93 -10.81
CA GLN B 49 -5.21 -8.20 -10.09
C GLN B 49 -4.94 -9.30 -11.11
N THR B 50 -4.27 -10.36 -10.69
CA THR B 50 -3.87 -11.45 -11.57
C THR B 50 -4.89 -12.61 -11.54
N LEU B 51 -6.14 -12.29 -11.84
CA LEU B 51 -7.27 -13.23 -11.77
C LEU B 51 -7.43 -14.23 -12.95
N GLU B 52 -6.60 -14.09 -13.98
CA GLU B 52 -6.66 -14.97 -15.13
C GLU B 52 -5.51 -15.98 -15.12
C1 LGL C . 1.96 8.65 17.52
C2 LGL C . 3.16 9.11 18.08
C3 LGL C . -0.06 -1.55 13.43
C4 LGL C . 1.60 7.30 17.65
C5 LGL C . 2.82 3.98 17.89
C6 LGL C . 0.87 4.73 19.16
C7 LGL C . -1.37 -1.20 13.04
C8 LGL C . 4.01 8.23 18.77
C9 LGL C . 0.23 -1.79 14.78
C10 LGL C . 2.40 2.65 18.05
C11 LGL C . 0.46 3.40 19.31
C12 LGL C . -2.11 -1.36 15.33
C13 LGL C . 2.04 5.02 18.45
C14 LGL C . 2.45 6.41 18.32
C15 LGL C . -2.39 -1.12 14.00
C16 LGL C . -0.24 -1.66 19.19
C17 LGL C . 3.65 6.88 18.90
C18 LGL C . -0.81 -1.71 15.71
C19 LGL C . 1.23 2.36 18.77
C20 LGL C . -0.17 -1.02 17.98
C21 LGL C . -0.79 -2.93 18.88
C22 LGL C . -3.75 -0.77 13.63
C23 LGL C . 0.32 0.32 17.75
C24 LGL C . -5.88 -0.44 13.99
C25 LGL C . 0.20 -0.99 20.43
C26 LGL C . 3.72 5.66 23.18
C27 LGL C . 5.20 5.28 23.18
C28 LGL C . 0.20 0.55 20.24
C29 LGL C . 3.35 5.71 21.71
C30 LGL C . 5.66 5.39 21.72
C31 LGL C . 4.59 5.98 19.64
C32 LGL C . -1.12 -4.04 19.78
N33 LGL C . -1.04 -3.07 17.58
N34 LGL C . -4.17 -0.44 12.45
N35 LGL C . -0.62 -1.92 17.06
N36 LGL C . -4.71 -0.80 14.60
N37 LGL C . -5.52 -0.23 12.64
N38 LGL C . 0.75 1.00 18.93
N39 LGL C . 4.59 6.18 21.09
O40 LGL C . 0.35 0.83 16.63
O41 LGL C . -6.99 -0.33 14.48
F42 LGL C . -1.54 -5.19 19.13
F43 LGL C . -0.12 -4.39 20.66
F44 LGL C . -2.25 -3.74 20.53
NA NA D . -12.26 1.21 14.85
NA NA E . 3.36 -20.04 1.48
#